data_6P79
#
_entry.id   6P79
#
_cell.length_a   44.282
_cell.length_b   66.696
_cell.length_c   74.955
_cell.angle_alpha   90.00
_cell.angle_beta   90.00
_cell.angle_gamma   90.00
#
_symmetry.space_group_name_H-M   'P 21 21 21'
#
loop_
_entity.id
_entity.type
_entity.pdbx_description
1 polymer 'Engineered antibody heavy chain'
2 polymer 'Engineered antibody light chain'
3 water water
#
loop_
_entity_poly.entity_id
_entity_poly.type
_entity_poly.pdbx_seq_one_letter_code
_entity_poly.pdbx_strand_id
1 'polypeptide(L)'
;EVQLQQSGPELVKPGASVKLSCTASGFNIKDTFMHWVKQRPEQGLEWIGRIDPANGNTEYDPKFQGKATITADTSSNTVN
LQLSSLTSEDTAVYYCASGGELGFPYWGQGTLVTVSAGGG
;
H
2 'polypeptide(L)'
;GSDIQMTQSPAKLWASVGETVTITCRASGNIHNYLAWYQQKQGKSPQLLVYNAKTLADGVPSRFSGSGSGTQYSLKINSL
QPEDFGSYYCQHFWSTPWTFGGGTKLMIKRAGASGAEIEGRHHHHHH
;
L
#
# COMPACT_ATOMS: atom_id res chain seq x y z
N GLU A 1 -2.22 -22.08 -0.48
CA GLU A 1 -2.42 -20.75 0.08
C GLU A 1 -1.17 -19.90 -0.05
N VAL A 2 -1.33 -18.66 -0.51
CA VAL A 2 -0.22 -17.73 -0.56
C VAL A 2 0.03 -17.14 0.82
N GLN A 3 1.28 -17.11 1.25
CA GLN A 3 1.66 -16.40 2.47
C GLN A 3 2.97 -15.64 2.26
N LEU A 4 3.04 -14.46 2.84
CA LEU A 4 4.28 -13.67 2.87
C LEU A 4 4.69 -13.52 4.32
N GLN A 5 5.77 -14.16 4.76
CA GLN A 5 6.14 -14.00 6.17
C GLN A 5 7.28 -13.03 6.29
N GLN A 6 7.15 -12.11 7.24
CA GLN A 6 8.16 -11.06 7.39
C GLN A 6 8.96 -11.23 8.67
N SER A 7 10.15 -10.64 8.65
CA SER A 7 11.08 -10.79 9.77
C SER A 7 10.61 -10.06 11.03
N GLY A 8 11.25 -10.38 12.15
CA GLY A 8 10.82 -9.85 13.43
C GLY A 8 11.15 -8.38 13.61
N PRO A 9 10.54 -7.75 14.63
CA PRO A 9 10.69 -6.30 14.84
C PRO A 9 12.13 -5.90 15.10
N GLU A 10 12.46 -4.68 14.69
CA GLU A 10 13.81 -4.16 14.82
C GLU A 10 13.86 -2.96 15.76
N LEU A 11 14.78 -2.98 16.71
CA LEU A 11 15.04 -1.81 17.54
C LEU A 11 16.47 -1.38 17.22
N VAL A 12 16.62 -0.26 16.53
CA VAL A 12 17.92 0.11 15.96
C VAL A 12 18.32 1.54 16.26
N LYS A 13 19.60 1.85 16.06
CA LYS A 13 20.16 3.13 16.42
C LYS A 13 20.26 4.07 15.22
N PRO A 14 20.22 5.39 15.46
CA PRO A 14 20.44 6.36 14.38
C PRO A 14 21.78 6.13 13.69
N GLY A 15 21.78 6.22 12.37
CA GLY A 15 23.01 6.07 11.59
C GLY A 15 23.31 4.65 11.18
N ALA A 16 22.67 3.68 11.83
CA ALA A 16 22.86 2.28 11.48
C ALA A 16 22.09 1.91 10.22
N SER A 17 22.30 0.66 9.78
CA SER A 17 21.55 0.09 8.67
C SER A 17 20.82 -1.16 9.16
N VAL A 18 19.75 -1.52 8.48
CA VAL A 18 19.01 -2.72 8.84
C VAL A 18 18.52 -3.41 7.56
N LYS A 19 18.49 -4.73 7.60
CA LYS A 19 18.01 -5.52 6.48
C LYS A 19 16.77 -6.32 6.88
N LEU A 20 15.64 -5.97 6.27
CA LEU A 20 14.38 -6.67 6.51
C LEU A 20 14.17 -7.76 5.46
N SER A 21 13.46 -8.82 5.83
CA SER A 21 13.27 -9.91 4.90
C SER A 21 11.81 -10.36 4.84
N CYS A 22 11.45 -10.93 3.69
CA CYS A 22 10.10 -11.37 3.41
C CYS A 22 10.21 -12.66 2.60
N THR A 23 9.69 -13.75 3.14
CA THR A 23 9.76 -15.05 2.47
C THR A 23 8.38 -15.47 2.03
N ALA A 24 8.25 -15.78 0.74
CA ALA A 24 6.97 -16.12 0.15
C ALA A 24 6.78 -17.62 0.12
N SER A 25 5.53 -18.06 0.28
CA SER A 25 5.17 -19.45 0.02
C SER A 25 3.84 -19.50 -0.73
N GLY A 26 3.62 -20.59 -1.45
CA GLY A 26 2.37 -20.77 -2.18
C GLY A 26 2.41 -20.24 -3.59
N PHE A 27 3.54 -19.62 -3.94
CA PHE A 27 3.81 -19.16 -5.30
C PHE A 27 5.30 -18.93 -5.47
N ASN A 28 5.72 -18.68 -6.71
CA ASN A 28 7.12 -18.45 -7.08
C ASN A 28 7.37 -16.96 -7.24
N ILE A 29 8.28 -16.38 -6.47
CA ILE A 29 8.42 -14.92 -6.52
C ILE A 29 8.91 -14.43 -7.89
N LYS A 30 9.46 -15.33 -8.70
CA LYS A 30 9.84 -14.96 -10.06
C LYS A 30 8.63 -14.55 -10.91
N ASP A 31 7.43 -14.93 -10.51
CA ASP A 31 6.26 -14.74 -11.36
C ASP A 31 5.53 -13.43 -11.17
N THR A 32 5.98 -12.60 -10.23
CA THR A 32 5.31 -11.33 -9.98
C THR A 32 6.32 -10.31 -9.50
N PHE A 33 5.92 -9.05 -9.50
CA PHE A 33 6.70 -8.03 -8.80
C PHE A 33 6.55 -8.20 -7.29
N MET A 34 7.62 -7.90 -6.56
CA MET A 34 7.58 -7.87 -5.11
C MET A 34 7.87 -6.44 -4.64
N HIS A 35 7.06 -5.93 -3.72
CA HIS A 35 7.11 -4.51 -3.32
C HIS A 35 7.38 -4.34 -1.86
N TRP A 36 7.98 -3.19 -1.52
CA TRP A 36 8.07 -2.77 -0.13
C TRP A 36 7.28 -1.48 0.05
N VAL A 37 6.50 -1.42 1.13
CA VAL A 37 5.60 -0.30 1.40
C VAL A 37 5.81 0.15 2.83
N LYS A 38 6.05 1.44 3.02
CA LYS A 38 6.31 2.03 4.34
C LYS A 38 5.05 2.64 4.94
N GLN A 39 4.87 2.48 6.25
CA GLN A 39 3.78 3.18 6.95
C GLN A 39 4.23 3.68 8.31
N ARG A 40 4.48 4.98 8.40
CA ARG A 40 4.85 5.56 9.68
C ARG A 40 3.64 5.48 10.62
N PRO A 41 3.88 5.50 11.94
CA PRO A 41 2.76 5.31 12.89
C PRO A 41 1.62 6.30 12.67
N GLU A 42 0.42 5.75 12.52
CA GLU A 42 -0.81 6.50 12.29
C GLU A 42 -0.80 7.32 11.01
N GLN A 43 0.07 6.96 10.08
CA GLN A 43 0.15 7.70 8.82
C GLN A 43 -0.15 6.78 7.64
N GLY A 44 0.09 7.27 6.42
CA GLY A 44 -0.34 6.55 5.22
C GLY A 44 0.66 5.59 4.61
N LEU A 45 0.19 4.83 3.64
CA LEU A 45 1.08 3.93 2.89
C LEU A 45 1.96 4.70 1.92
N GLU A 46 3.25 4.32 1.86
CA GLU A 46 4.20 4.91 0.93
C GLU A 46 4.91 3.81 0.16
N TRP A 47 4.82 3.83 -1.18
CA TRP A 47 5.50 2.84 -2.00
C TRP A 47 7.00 3.15 -2.07
N ILE A 48 7.80 2.23 -1.58
CA ILE A 48 9.26 2.43 -1.59
C ILE A 48 9.81 2.06 -2.96
N GLY A 49 9.45 0.88 -3.43
CA GLY A 49 9.92 0.40 -4.72
C GLY A 49 9.57 -1.06 -4.89
N ARG A 50 10.06 -1.65 -5.98
CA ARG A 50 9.78 -3.03 -6.29
C ARG A 50 10.99 -3.72 -6.89
N ILE A 51 10.96 -5.04 -6.88
CA ILE A 51 11.92 -5.83 -7.64
C ILE A 51 11.17 -6.87 -8.47
N ASP A 52 11.71 -7.15 -9.66
CA ASP A 52 11.27 -8.26 -10.49
C ASP A 52 12.25 -9.40 -10.27
N PRO A 53 11.86 -10.41 -9.47
CA PRO A 53 12.86 -11.43 -9.15
C PRO A 53 13.26 -12.30 -10.35
N ALA A 54 12.50 -12.25 -11.44
CA ALA A 54 12.86 -13.00 -12.65
C ALA A 54 14.16 -12.51 -13.26
N ASN A 55 14.43 -11.21 -13.14
CA ASN A 55 15.62 -10.63 -13.76
C ASN A 55 16.35 -9.61 -12.89
N GLY A 56 15.85 -9.40 -11.68
CA GLY A 56 16.49 -8.50 -10.75
C GLY A 56 16.24 -7.01 -10.94
N ASN A 57 15.48 -6.64 -11.96
CA ASN A 57 15.17 -5.23 -12.20
C ASN A 57 14.48 -4.58 -11.02
N THR A 58 14.94 -3.40 -10.61
CA THR A 58 14.30 -2.67 -9.53
C THR A 58 13.82 -1.31 -9.99
N GLU A 59 12.76 -0.82 -9.34
CA GLU A 59 12.33 0.58 -9.51
C GLU A 59 12.06 1.15 -8.13
N TYR A 60 12.35 2.42 -7.94
CA TYR A 60 12.13 3.08 -6.65
C TYR A 60 11.42 4.41 -6.80
N ASP A 61 10.67 4.79 -5.79
CA ASP A 61 10.28 6.19 -5.67
C ASP A 61 11.59 6.97 -5.44
N PRO A 62 11.79 8.06 -6.17
CA PRO A 62 13.08 8.77 -6.07
C PRO A 62 13.40 9.26 -4.64
N LYS A 63 12.37 9.43 -3.81
CA LYS A 63 12.56 9.88 -2.43
C LYS A 63 13.34 8.84 -1.60
N PHE A 64 13.32 7.59 -2.04
CA PHE A 64 14.03 6.51 -1.32
C PHE A 64 15.34 6.10 -1.99
N GLN A 65 15.76 6.82 -3.03
CA GLN A 65 17.04 6.55 -3.67
C GLN A 65 18.16 6.58 -2.63
N GLY A 66 18.92 5.49 -2.53
CA GLY A 66 20.02 5.41 -1.57
C GLY A 66 19.62 5.00 -0.16
N LYS A 67 18.44 5.43 0.27
CA LYS A 67 17.94 5.05 1.58
C LYS A 67 17.56 3.57 1.54
N ALA A 68 16.97 3.15 0.44
CA ALA A 68 16.46 1.79 0.31
C ALA A 68 17.15 1.00 -0.79
N THR A 69 17.50 -0.25 -0.50
CA THR A 69 18.00 -1.16 -1.53
C THR A 69 17.23 -2.47 -1.45
N ILE A 70 16.53 -2.81 -2.53
CA ILE A 70 15.73 -4.04 -2.57
C ILE A 70 16.50 -5.11 -3.35
N THR A 71 16.58 -6.30 -2.78
CA THR A 71 17.23 -7.44 -3.44
C THR A 71 16.34 -8.67 -3.37
N ALA A 72 16.65 -9.67 -4.19
CA ALA A 72 15.87 -10.89 -4.19
C ALA A 72 16.78 -12.09 -4.19
N ASP A 73 16.33 -13.13 -3.50
CA ASP A 73 17.01 -14.41 -3.49
C ASP A 73 16.01 -15.46 -3.93
N THR A 74 16.01 -15.81 -5.22
CA THR A 74 14.98 -16.69 -5.73
C THR A 74 15.09 -18.10 -5.15
N SER A 75 16.31 -18.55 -4.88
CA SER A 75 16.51 -19.89 -4.35
C SER A 75 15.85 -20.09 -2.98
N SER A 76 15.61 -19.00 -2.25
CA SER A 76 14.91 -19.11 -0.97
C SER A 76 13.54 -18.44 -1.01
N ASN A 77 13.11 -18.04 -2.21
CA ASN A 77 11.83 -17.37 -2.40
C ASN A 77 11.70 -16.15 -1.48
N THR A 78 12.79 -15.43 -1.30
CA THR A 78 12.83 -14.34 -0.34
C THR A 78 13.21 -13.02 -1.01
N VAL A 79 12.59 -11.92 -0.58
CA VAL A 79 13.07 -10.59 -0.97
C VAL A 79 13.50 -9.83 0.26
N ASN A 80 14.46 -8.93 0.08
CA ASN A 80 14.99 -8.16 1.20
C ASN A 80 14.94 -6.67 0.94
N LEU A 81 14.88 -5.91 2.03
CA LEU A 81 14.94 -4.46 1.99
C LEU A 81 16.00 -3.98 2.94
N GLN A 82 17.05 -3.35 2.43
CA GLN A 82 18.04 -2.73 3.29
C GLN A 82 17.74 -1.25 3.41
N LEU A 83 17.69 -0.75 4.64
CA LEU A 83 17.51 0.67 4.92
C LEU A 83 18.82 1.23 5.49
N SER A 84 19.37 2.27 4.88
CA SER A 84 20.66 2.83 5.31
C SER A 84 20.47 4.12 6.08
N SER A 85 21.48 4.51 6.87
CA SER A 85 21.52 5.83 7.49
C SER A 85 20.24 6.17 8.26
N LEU A 86 19.88 5.29 9.20
CA LEU A 86 18.58 5.40 9.85
C LEU A 86 18.40 6.65 10.69
N THR A 87 17.20 7.21 10.61
CA THR A 87 16.76 8.32 11.44
C THR A 87 15.36 8.06 11.94
N SER A 88 14.82 8.98 12.74
CA SER A 88 13.49 8.81 13.32
C SER A 88 12.41 8.78 12.25
N GLU A 89 12.69 9.40 11.10
CA GLU A 89 11.74 9.43 10.01
C GLU A 89 11.59 8.04 9.38
N ASP A 90 12.50 7.12 9.75
CA ASP A 90 12.45 5.75 9.24
C ASP A 90 11.67 4.81 10.16
N THR A 91 11.29 5.29 11.33
CA THR A 91 10.45 4.51 12.24
C THR A 91 9.09 4.30 11.58
N ALA A 92 8.75 3.04 11.36
CA ALA A 92 7.57 2.69 10.57
C ALA A 92 7.38 1.19 10.53
N VAL A 93 6.20 0.76 10.12
CA VAL A 93 5.96 -0.62 9.70
C VAL A 93 6.31 -0.71 8.23
N TYR A 94 7.07 -1.73 7.88
CA TYR A 94 7.43 -1.97 6.48
C TYR A 94 6.75 -3.23 6.01
N TYR A 95 5.87 -3.07 5.03
CA TYR A 95 5.17 -4.21 4.44
C TYR A 95 5.83 -4.73 3.19
N CYS A 96 5.87 -6.04 3.03
N CYS A 96 5.78 -6.05 3.05
CA CYS A 96 6.15 -6.55 1.69
CA CYS A 96 6.12 -6.74 1.81
C CYS A 96 4.81 -6.93 1.09
C CYS A 96 4.81 -7.09 1.08
N ALA A 97 4.73 -6.87 -0.23
CA ALA A 97 3.50 -7.18 -0.95
C ALA A 97 3.82 -7.75 -2.32
N SER A 98 2.93 -8.57 -2.87
CA SER A 98 3.13 -9.10 -4.21
C SER A 98 2.01 -8.64 -5.14
N GLY A 99 2.38 -8.43 -6.40
CA GLY A 99 1.39 -8.11 -7.41
C GLY A 99 1.95 -7.18 -8.47
N GLY A 100 1.11 -6.91 -9.47
CA GLY A 100 1.48 -6.01 -10.54
C GLY A 100 0.45 -4.92 -10.73
N GLU A 101 0.19 -4.59 -12.00
CA GLU A 101 -0.61 -3.41 -12.32
C GLU A 101 -2.12 -3.59 -12.12
N LEU A 102 -2.54 -4.75 -11.62
CA LEU A 102 -3.94 -4.96 -11.21
C LEU A 102 -4.05 -4.93 -9.68
N GLY A 103 -3.06 -4.34 -9.01
CA GLY A 103 -3.14 -4.18 -7.57
C GLY A 103 -2.38 -5.28 -6.86
N PHE A 104 -2.13 -5.09 -5.57
CA PHE A 104 -1.38 -6.07 -4.78
C PHE A 104 -2.36 -6.89 -3.92
N PRO A 105 -2.61 -8.14 -4.28
CA PRO A 105 -3.60 -8.90 -3.50
C PRO A 105 -3.03 -9.50 -2.21
N TYR A 106 -1.71 -9.65 -2.14
CA TYR A 106 -1.10 -10.34 -1.03
C TYR A 106 -0.12 -9.43 -0.30
N TRP A 107 -0.26 -9.42 1.02
CA TRP A 107 0.51 -8.57 1.91
C TRP A 107 1.04 -9.37 3.08
N GLY A 108 2.28 -9.08 3.46
CA GLY A 108 2.82 -9.60 4.70
C GLY A 108 2.20 -8.86 5.87
N GLN A 109 2.51 -9.29 7.08
CA GLN A 109 1.93 -8.65 8.27
C GLN A 109 2.73 -7.42 8.70
N GLY A 110 3.84 -7.18 8.01
CA GLY A 110 4.66 -6.00 8.27
C GLY A 110 5.72 -6.23 9.32
N THR A 111 6.81 -5.47 9.21
CA THR A 111 7.88 -5.49 10.21
C THR A 111 8.04 -4.10 10.80
N LEU A 112 7.89 -3.98 12.10
CA LEU A 112 8.06 -2.70 12.78
C LEU A 112 9.54 -2.40 12.99
N VAL A 113 9.97 -1.24 12.53
CA VAL A 113 11.33 -0.75 12.74
C VAL A 113 11.24 0.50 13.60
N THR A 114 11.90 0.49 14.76
CA THR A 114 11.91 1.64 15.65
C THR A 114 13.33 2.14 15.78
N VAL A 115 13.55 3.37 15.34
CA VAL A 115 14.86 4.02 15.41
C VAL A 115 14.91 4.92 16.65
N SER A 116 15.90 4.73 17.51
CA SER A 116 15.97 5.52 18.74
C SER A 116 16.41 6.95 18.43
N ALA A 117 16.30 7.83 19.41
CA ALA A 117 16.48 9.27 19.20
C ALA A 117 17.91 9.65 18.84
N GLY A 118 18.05 10.79 18.15
CA GLY A 118 19.35 11.36 17.90
C GLY A 118 19.72 11.55 16.44
N GLY A 119 18.97 10.92 15.55
CA GLY A 119 19.26 11.02 14.13
C GLY A 119 18.63 12.23 13.48
N ASP B 3 7.03 12.04 -12.30
CA ASP B 3 6.32 11.06 -11.47
C ASP B 3 4.88 11.47 -11.26
N ILE B 4 4.00 10.48 -11.12
CA ILE B 4 2.58 10.77 -10.94
C ILE B 4 2.21 10.60 -9.48
N GLN B 5 1.66 11.66 -8.90
CA GLN B 5 1.22 11.64 -7.51
C GLN B 5 -0.30 11.61 -7.42
N MET B 6 -0.80 11.07 -6.31
CA MET B 6 -2.22 10.93 -6.10
C MET B 6 -2.70 11.84 -4.98
N THR B 7 -3.69 12.68 -5.28
CA THR B 7 -4.29 13.58 -4.30
C THR B 7 -5.62 13.01 -3.82
N GLN B 8 -5.63 12.49 -2.59
CA GLN B 8 -6.80 11.78 -2.06
C GLN B 8 -7.55 12.66 -1.07
N SER B 9 -8.88 12.68 -1.17
N SER B 9 -8.88 12.67 -1.16
CA SER B 9 -9.69 13.50 -0.26
CA SER B 9 -9.70 13.51 -0.28
C SER B 9 -11.00 12.77 0.07
C SER B 9 -11.01 12.79 0.06
N PRO B 10 -11.52 12.97 1.30
CA PRO B 10 -10.93 13.72 2.40
C PRO B 10 -9.93 12.88 3.20
N ALA B 11 -9.04 13.51 3.96
CA ALA B 11 -8.07 12.76 4.75
C ALA B 11 -8.75 12.04 5.93
N LYS B 12 -9.79 12.66 6.47
CA LYS B 12 -10.55 12.11 7.59
C LYS B 12 -12.03 12.28 7.31
N LEU B 13 -12.82 11.29 7.69
CA LEU B 13 -14.26 11.34 7.45
C LEU B 13 -14.96 10.64 8.60
N TRP B 14 -15.82 11.38 9.31
CA TRP B 14 -16.67 10.80 10.35
C TRP B 14 -18.01 10.45 9.77
N ALA B 15 -18.48 9.23 10.00
CA ALA B 15 -19.75 8.80 9.42
C ALA B 15 -20.44 7.77 10.31
N SER B 16 -21.71 7.53 10.02
CA SER B 16 -22.50 6.58 10.79
C SER B 16 -22.94 5.44 9.88
N VAL B 17 -23.19 4.28 10.49
CA VAL B 17 -23.74 3.14 9.76
C VAL B 17 -25.00 3.57 9.01
N GLY B 18 -25.08 3.18 7.74
CA GLY B 18 -26.21 3.53 6.90
C GLY B 18 -25.99 4.74 6.01
N GLU B 19 -24.96 5.52 6.30
CA GLU B 19 -24.64 6.69 5.49
C GLU B 19 -23.88 6.29 4.23
N THR B 20 -23.99 7.11 3.19
CA THR B 20 -23.25 6.89 1.96
C THR B 20 -22.12 7.90 1.89
N VAL B 21 -20.93 7.42 1.56
CA VAL B 21 -19.76 8.30 1.49
C VAL B 21 -19.01 8.10 0.19
N THR B 22 -18.29 9.14 -0.23
CA THR B 22 -17.50 9.10 -1.44
C THR B 22 -16.09 9.57 -1.13
N ILE B 23 -15.12 8.78 -1.56
CA ILE B 23 -13.70 9.08 -1.41
C ILE B 23 -13.16 9.35 -2.81
N THR B 24 -12.35 10.39 -2.97
N THR B 24 -12.37 10.41 -2.95
CA THR B 24 -11.82 10.68 -4.30
CA THR B 24 -11.94 10.83 -4.27
C THR B 24 -10.29 10.64 -4.37
C THR B 24 -10.41 10.79 -4.41
N CYS B 25 -9.79 10.29 -5.55
N CYS B 25 -9.95 10.46 -5.61
CA CYS B 25 -8.38 10.38 -5.83
CA CYS B 25 -8.53 10.39 -5.88
C CYS B 25 -8.14 11.01 -7.18
C CYS B 25 -8.18 11.05 -7.21
N ARG B 26 -7.33 12.06 -7.18
CA ARG B 26 -6.96 12.77 -8.40
C ARG B 26 -5.48 12.53 -8.71
N ALA B 27 -5.18 11.94 -9.86
CA ALA B 27 -3.80 11.73 -10.29
C ALA B 27 -3.24 12.98 -10.95
N SER B 28 -1.93 13.20 -10.81
CA SER B 28 -1.30 14.38 -11.44
C SER B 28 -1.04 14.19 -12.93
N GLY B 29 -1.34 13.00 -13.45
CA GLY B 29 -1.31 12.71 -14.87
C GLY B 29 -2.26 11.57 -15.17
N ASN B 30 -2.59 11.38 -16.44
CA ASN B 30 -3.50 10.31 -16.86
C ASN B 30 -2.92 8.96 -16.49
N ILE B 31 -3.71 8.15 -15.75
CA ILE B 31 -3.25 6.82 -15.37
C ILE B 31 -4.07 5.69 -16.02
N HIS B 32 -4.95 6.05 -16.95
CA HIS B 32 -5.52 5.05 -17.86
C HIS B 32 -6.24 3.89 -17.19
N ASN B 33 -6.95 4.23 -16.10
CA ASN B 33 -7.77 3.29 -15.31
C ASN B 33 -6.97 2.26 -14.53
N TYR B 34 -5.64 2.41 -14.47
CA TYR B 34 -4.82 1.52 -13.65
C TYR B 34 -4.78 2.10 -12.24
N LEU B 35 -5.86 1.85 -11.51
CA LEU B 35 -6.07 2.38 -10.17
C LEU B 35 -6.68 1.31 -9.30
N ALA B 36 -6.11 1.14 -8.11
CA ALA B 36 -6.68 0.24 -7.11
C ALA B 36 -7.13 1.01 -5.87
N TRP B 37 -8.11 0.44 -5.17
CA TRP B 37 -8.47 0.90 -3.83
C TRP B 37 -8.16 -0.21 -2.85
N TYR B 38 -7.57 0.14 -1.72
CA TYR B 38 -7.33 -0.79 -0.61
C TYR B 38 -8.08 -0.36 0.64
N GLN B 39 -8.46 -1.34 1.46
CA GLN B 39 -9.02 -1.11 2.79
C GLN B 39 -8.00 -1.58 3.79
N GLN B 40 -7.80 -0.82 4.86
CA GLN B 40 -6.90 -1.25 5.93
C GLN B 40 -7.55 -1.05 7.27
N LYS B 41 -7.95 -2.16 7.88
CA LYS B 41 -8.59 -2.10 9.18
C LYS B 41 -7.54 -1.86 10.25
N GLN B 42 -7.99 -1.33 11.38
CA GLN B 42 -7.09 -1.02 12.49
C GLN B 42 -6.28 -2.23 12.90
N GLY B 43 -4.97 -2.09 12.91
CA GLY B 43 -4.09 -3.16 13.34
C GLY B 43 -3.83 -4.25 12.31
N LYS B 44 -4.36 -4.07 11.10
CA LYS B 44 -4.22 -5.12 10.08
C LYS B 44 -3.51 -4.64 8.83
N SER B 45 -3.17 -5.59 7.97
CA SER B 45 -2.53 -5.29 6.69
C SER B 45 -3.59 -4.80 5.69
N PRO B 46 -3.15 -4.04 4.68
CA PRO B 46 -4.10 -3.63 3.64
C PRO B 46 -4.69 -4.83 2.89
N GLN B 47 -5.91 -4.64 2.39
CA GLN B 47 -6.58 -5.63 1.57
C GLN B 47 -7.04 -4.95 0.29
N LEU B 48 -6.76 -5.57 -0.85
CA LEU B 48 -7.24 -5.07 -2.14
C LEU B 48 -8.77 -5.15 -2.23
N LEU B 49 -9.39 -4.01 -2.57
CA LEU B 49 -10.85 -3.88 -2.65
C LEU B 49 -11.34 -3.75 -4.09
N VAL B 50 -10.64 -2.93 -4.86
CA VAL B 50 -11.02 -2.59 -6.23
C VAL B 50 -9.75 -2.49 -7.07
N TYR B 51 -9.79 -2.94 -8.33
CA TYR B 51 -8.67 -2.72 -9.25
C TYR B 51 -9.22 -2.37 -10.63
N ASN B 52 -8.35 -1.89 -11.52
CA ASN B 52 -8.79 -1.39 -12.84
C ASN B 52 -9.90 -0.36 -12.68
N ALA B 53 -9.79 0.45 -11.62
CA ALA B 53 -10.71 1.53 -11.27
C ALA B 53 -12.10 1.09 -10.81
N LYS B 54 -12.64 0.01 -11.38
CA LYS B 54 -14.05 -0.31 -11.15
C LYS B 54 -14.34 -1.80 -10.86
N THR B 55 -13.32 -2.64 -10.90
CA THR B 55 -13.56 -4.07 -10.72
C THR B 55 -13.39 -4.49 -9.26
N LEU B 56 -14.43 -5.07 -8.68
CA LEU B 56 -14.39 -5.51 -7.29
C LEU B 56 -13.53 -6.76 -7.13
N ALA B 57 -12.72 -6.77 -6.09
CA ALA B 57 -11.86 -7.90 -5.79
C ALA B 57 -12.63 -9.01 -5.06
N ASP B 58 -11.93 -10.09 -4.73
CA ASP B 58 -12.56 -11.27 -4.13
C ASP B 58 -13.42 -10.92 -2.93
N GLY B 59 -14.67 -11.39 -2.94
CA GLY B 59 -15.55 -11.27 -1.79
C GLY B 59 -16.02 -9.88 -1.40
N VAL B 60 -15.73 -8.88 -2.23
CA VAL B 60 -16.10 -7.50 -1.89
C VAL B 60 -17.58 -7.22 -2.19
N PRO B 61 -18.31 -6.72 -1.20
CA PRO B 61 -19.76 -6.52 -1.38
C PRO B 61 -20.12 -5.42 -2.38
N SER B 62 -21.34 -5.53 -2.91
CA SER B 62 -21.80 -4.67 -4.00
C SER B 62 -21.98 -3.21 -3.60
N ARG B 63 -22.03 -2.93 -2.29
CA ARG B 63 -22.17 -1.54 -1.83
C ARG B 63 -20.91 -0.71 -2.13
N PHE B 64 -19.80 -1.37 -2.43
CA PHE B 64 -18.60 -0.66 -2.90
C PHE B 64 -18.66 -0.47 -4.41
N SER B 65 -18.40 0.75 -4.87
N SER B 65 -18.38 0.75 -4.86
CA SER B 65 -18.31 0.97 -6.31
CA SER B 65 -19.30 2.27 -6.59
CA SER B 65 -18.33 1.03 -6.28
C SER B 65 -17.20 1.96 -6.64
C SER B 65 -17.18 1.97 -6.63
N GLY B 66 -16.32 1.54 -7.53
CA GLY B 66 -15.24 2.39 -8.00
C GLY B 66 -15.62 2.94 -9.36
N SER B 67 -15.30 4.20 -9.59
CA SER B 67 -15.53 4.81 -10.89
C SER B 67 -14.45 5.83 -11.22
N GLY B 68 -14.52 6.35 -12.43
CA GLY B 68 -13.57 7.38 -12.84
C GLY B 68 -12.83 7.00 -14.10
N SER B 69 -12.05 7.98 -14.58
CA SER B 69 -11.21 7.82 -15.76
C SER B 69 -10.25 8.99 -15.84
N GLY B 70 -9.23 8.86 -16.68
CA GLY B 70 -8.25 9.92 -16.85
C GLY B 70 -7.46 10.18 -15.58
N THR B 71 -7.68 11.35 -14.98
CA THR B 71 -7.00 11.70 -13.74
C THR B 71 -7.91 11.59 -12.51
N GLN B 72 -9.19 11.33 -12.72
CA GLN B 72 -10.17 11.53 -11.66
C GLN B 72 -10.96 10.26 -11.30
N TYR B 73 -10.81 9.81 -10.06
CA TYR B 73 -11.37 8.51 -9.64
C TYR B 73 -12.07 8.64 -8.30
N SER B 74 -13.06 7.79 -8.07
N SER B 74 -13.06 7.79 -8.06
CA SER B 74 -13.84 7.83 -6.84
CA SER B 74 -13.77 7.84 -6.79
C SER B 74 -14.18 6.43 -6.34
C SER B 74 -14.22 6.46 -6.34
N LEU B 75 -14.23 6.28 -5.02
CA LEU B 75 -14.78 5.08 -4.39
C LEU B 75 -16.02 5.49 -3.62
N LYS B 76 -17.17 4.90 -3.94
CA LYS B 76 -18.40 5.19 -3.20
C LYS B 76 -18.76 4.00 -2.34
N ILE B 77 -19.11 4.26 -1.08
CA ILE B 77 -19.60 3.19 -0.22
C ILE B 77 -21.04 3.50 0.09
N ASN B 78 -21.94 2.73 -0.51
CA ASN B 78 -23.37 2.96 -0.30
C ASN B 78 -23.81 2.33 1.01
N SER B 79 -24.50 3.12 1.85
CA SER B 79 -25.02 2.64 3.12
CA SER B 79 -25.02 2.66 3.14
C SER B 79 -23.98 1.83 3.91
N LEU B 80 -22.96 2.51 4.42
CA LEU B 80 -21.83 1.81 4.99
C LEU B 80 -22.21 0.95 6.20
N GLN B 81 -21.44 -0.10 6.40
CA GLN B 81 -21.72 -1.13 7.39
C GLN B 81 -20.69 -1.09 8.51
N PRO B 82 -20.99 -1.73 9.65
CA PRO B 82 -20.05 -1.72 10.79
C PRO B 82 -18.63 -2.15 10.42
N GLU B 83 -18.52 -3.10 9.49
CA GLU B 83 -17.21 -3.62 9.11
C GLU B 83 -16.44 -2.74 8.14
N ASP B 84 -17.01 -1.60 7.76
CA ASP B 84 -16.40 -0.74 6.75
C ASP B 84 -15.51 0.36 7.33
N PHE B 85 -15.56 0.55 8.64
CA PHE B 85 -14.71 1.58 9.25
C PHE B 85 -13.26 1.15 9.22
N GLY B 86 -12.37 2.11 9.01
CA GLY B 86 -10.97 1.82 8.80
C GLY B 86 -10.40 2.84 7.82
N SER B 87 -9.23 2.54 7.26
CA SER B 87 -8.62 3.46 6.31
C SER B 87 -8.72 2.93 4.89
N TYR B 88 -8.78 3.86 3.94
CA TYR B 88 -8.84 3.53 2.52
C TYR B 88 -7.73 4.25 1.77
N TYR B 89 -7.12 3.56 0.81
CA TYR B 89 -6.03 4.14 0.03
C TYR B 89 -6.23 3.84 -1.45
N CYS B 90 -6.01 4.82 -2.30
CA CYS B 90 -5.88 4.56 -3.72
C CYS B 90 -4.41 4.38 -4.09
N GLN B 91 -4.17 3.72 -5.21
CA GLN B 91 -2.83 3.55 -5.75
C GLN B 91 -2.93 3.46 -7.26
N HIS B 92 -1.98 4.04 -7.98
CA HIS B 92 -1.97 3.88 -9.44
C HIS B 92 -0.81 2.96 -9.88
N PHE B 93 -0.94 2.41 -11.09
CA PHE B 93 0.06 1.49 -11.64
C PHE B 93 0.36 1.84 -13.07
N TRP B 94 0.54 3.13 -13.34
CA TRP B 94 0.88 3.54 -14.69
C TRP B 94 2.41 3.51 -14.78
N SER B 95 3.05 4.66 -14.91
CA SER B 95 4.50 4.72 -14.81
C SER B 95 4.93 4.47 -13.37
N THR B 96 6.11 3.87 -13.16
CA THR B 96 6.66 3.87 -11.81
C THR B 96 7.19 5.29 -11.53
N PRO B 97 7.10 5.76 -10.28
CA PRO B 97 6.62 5.07 -9.09
C PRO B 97 5.12 4.88 -9.04
N TRP B 98 4.72 3.75 -8.46
CA TRP B 98 3.33 3.36 -8.31
C TRP B 98 2.80 3.89 -6.98
N THR B 99 2.45 5.17 -6.96
CA THR B 99 2.24 5.90 -5.71
C THR B 99 0.85 5.72 -5.11
N PHE B 100 0.79 5.84 -3.79
CA PHE B 100 -0.48 5.85 -3.05
C PHE B 100 -1.01 7.24 -2.84
N GLY B 101 -2.33 7.37 -2.78
CA GLY B 101 -2.95 8.55 -2.19
C GLY B 101 -2.64 8.61 -0.69
N GLY B 102 -2.84 9.79 -0.10
CA GLY B 102 -2.53 10.00 1.31
C GLY B 102 -3.43 9.31 2.31
N GLY B 103 -4.52 8.71 1.81
CA GLY B 103 -5.42 7.95 2.65
C GLY B 103 -6.65 8.70 3.14
N THR B 104 -7.68 7.94 3.47
CA THR B 104 -8.88 8.46 4.13
C THR B 104 -9.14 7.62 5.36
N LYS B 105 -9.16 8.23 6.55
CA LYS B 105 -9.54 7.51 7.76
C LYS B 105 -11.04 7.65 7.97
N LEU B 106 -11.77 6.55 7.81
CA LEU B 106 -13.22 6.55 7.96
C LEU B 106 -13.55 6.10 9.37
N MET B 107 -14.07 7.03 10.17
CA MET B 107 -14.25 6.81 11.60
C MET B 107 -15.71 6.93 11.98
N ILE B 108 -16.16 6.18 12.99
CA ILE B 108 -17.55 6.33 13.43
C ILE B 108 -17.79 7.58 14.24
N LYS B 109 -18.85 8.30 13.89
CA LYS B 109 -19.35 9.40 14.71
C LYS B 109 -19.75 8.87 16.07
N ARG B 110 -19.21 9.51 17.12
CA ARG B 110 -19.51 9.13 18.50
C ARG B 110 -19.98 10.34 19.29
#